data_9D1X
#
_entry.id   9D1X
#
_cell.length_a   55.870
_cell.length_b   55.870
_cell.length_c   365.784
_cell.angle_alpha   90.00
_cell.angle_beta   90.00
_cell.angle_gamma   120.00
#
_symmetry.space_group_name_H-M   'P 65 2 2'
#
loop_
_entity.id
_entity.type
_entity.pdbx_description
1 polymer 'Fibroblast growth factor receptor 3'
2 non-polymer (3P)-N-(2,6-dimethylphenyl)-6-methoxy-3-(1-methyl-1H-pyrazol-4-yl)-1H-indazole-5-carboxamide
3 non-polymer 'CHLORIDE ION'
4 non-polymer 'MAGNESIUM ION'
5 water water
#
_entity_poly.entity_id   1
_entity_poly.type   'polypeptide(L)'
_entity_poly.pdbx_seq_one_letter_code
;MSELELPADPKWELSRARLTLGKPLGEGCFGQVVMAEAIGIDKDRAAKPVTVAVKMLKDDATDKDLSDLVSEMEMMKMIG
KHKNIINLLGACTQGGPLYVLVEYAAKGNLREFLRARRSGEEQLTFKDLVSCAYQVARGMEYLASQKCIHRDLAARNVLV
TEDNVMKIADFGLARDVHNLDYYKKTTNGRLPVKWMAPEALFDRVYTHQSDVWSFGVLLWEIFTLGGSPYPGIPVEELFK
LLKEGHRMDKPANCTHDLYMIMRECWHAAPSQRPTFKQLVEDLDRVLTVTSHHHHHH
;
_entity_poly.pdbx_strand_id   A
#
loop_
_chem_comp.id
_chem_comp.type
_chem_comp.name
_chem_comp.formula
A1A6M non-polymer (3P)-N-(2,6-dimethylphenyl)-6-methoxy-3-(1-methyl-1H-pyrazol-4-yl)-1H-indazole-5-carboxamide 'C21 H21 N5 O2'
CL non-polymer 'CHLORIDE ION' 'Cl -1'
MG non-polymer 'MAGNESIUM ION' 'Mg 2'
#
# COMPACT_ATOMS: atom_id res chain seq x y z
N ALA A 8 -3.88 -26.45 9.97
CA ALA A 8 -3.92 -26.01 8.55
C ALA A 8 -5.39 -25.88 8.05
N ASP A 9 -5.75 -24.71 7.50
CA ASP A 9 -7.06 -24.47 6.91
C ASP A 9 -7.02 -25.00 5.46
N PRO A 10 -7.78 -26.09 5.15
CA PRO A 10 -7.69 -26.76 3.85
C PRO A 10 -8.12 -25.91 2.64
N LYS A 11 -8.95 -24.86 2.86
CA LYS A 11 -9.38 -23.93 1.80
C LYS A 11 -8.20 -23.18 1.17
N TRP A 12 -7.18 -22.92 1.98
CA TRP A 12 -6.07 -22.04 1.61
C TRP A 12 -4.74 -22.78 1.51
N GLU A 13 -4.63 -23.98 2.09
CA GLU A 13 -3.36 -24.70 2.15
C GLU A 13 -2.92 -25.14 0.76
N LEU A 14 -1.65 -24.90 0.45
CA LEU A 14 -0.99 -25.41 -0.74
C LEU A 14 0.11 -26.36 -0.24
N SER A 15 0.25 -27.54 -0.86
CA SER A 15 1.46 -28.35 -0.68
C SER A 15 2.72 -27.56 -1.10
N ARG A 16 3.73 -27.63 -0.24
CA ARG A 16 5.09 -27.13 -0.49
C ARG A 16 5.71 -27.69 -1.79
N ALA A 17 5.31 -28.90 -2.19
CA ALA A 17 5.75 -29.51 -3.43
C ALA A 17 5.26 -28.81 -4.70
N ARG A 18 4.21 -27.99 -4.58
CA ARG A 18 3.71 -27.19 -5.68
C ARG A 18 4.45 -25.85 -5.81
N LEU A 19 5.29 -25.48 -4.84
CA LEU A 19 5.90 -24.16 -4.73
C LEU A 19 7.41 -24.28 -4.96
N THR A 20 7.92 -23.53 -5.94
CA THR A 20 9.35 -23.43 -6.21
C THR A 20 9.76 -21.96 -6.00
N LEU A 21 10.52 -21.71 -4.92
CA LEU A 21 10.98 -20.37 -4.53
C LEU A 21 12.07 -19.88 -5.49
N GLY A 22 11.96 -18.62 -5.89
CA GLY A 22 12.84 -17.92 -6.81
C GLY A 22 13.53 -16.78 -6.08
N LYS A 23 13.88 -15.73 -6.84
CA LYS A 23 14.71 -14.65 -6.32
C LYS A 23 13.97 -13.73 -5.31
N PRO A 24 14.69 -13.13 -4.34
CA PRO A 24 14.16 -12.04 -3.51
C PRO A 24 13.59 -10.86 -4.32
N LEU A 25 12.43 -10.37 -3.91
CA LEU A 25 11.79 -9.20 -4.50
C LEU A 25 11.98 -7.96 -3.63
N GLY A 26 12.21 -8.15 -2.33
CA GLY A 26 12.43 -7.05 -1.40
C GLY A 26 12.31 -7.57 0.03
N GLU A 27 12.64 -6.70 0.99
CA GLU A 27 12.56 -6.97 2.41
C GLU A 27 12.16 -5.69 3.14
N GLY A 28 11.40 -5.85 4.22
CA GLY A 28 10.87 -4.75 5.01
C GLY A 28 10.83 -5.21 6.47
N CYS A 29 10.24 -4.35 7.30
CA CYS A 29 10.05 -4.57 8.73
C CYS A 29 9.10 -5.76 9.03
N PHE A 30 8.23 -6.07 8.06
CA PHE A 30 7.11 -7.01 8.24
C PHE A 30 7.35 -8.35 7.54
N GLY A 31 8.55 -8.59 7.01
CA GLY A 31 8.94 -9.86 6.41
C GLY A 31 9.78 -9.62 5.15
N GLN A 32 10.24 -10.74 4.56
CA GLN A 32 10.90 -10.81 3.26
C GLN A 32 9.85 -11.25 2.23
N VAL A 33 9.95 -10.75 0.99
CA VAL A 33 9.10 -11.18 -0.11
C VAL A 33 9.99 -11.77 -1.22
N VAL A 34 9.65 -12.97 -1.70
CA VAL A 34 10.42 -13.67 -2.73
C VAL A 34 9.46 -14.07 -3.85
N MET A 35 9.96 -14.02 -5.09
CA MET A 35 9.25 -14.51 -6.25
C MET A 35 9.16 -16.05 -6.19
N ALA A 36 8.07 -16.64 -6.69
CA ALA A 36 7.99 -18.11 -6.76
C ALA A 36 7.05 -18.53 -7.88
N GLU A 37 7.12 -19.80 -8.25
CA GLU A 37 6.18 -20.44 -9.17
CA GLU A 37 6.17 -20.42 -9.17
C GLU A 37 5.35 -21.42 -8.33
N ALA A 38 4.03 -21.28 -8.39
CA ALA A 38 3.06 -22.11 -7.70
C ALA A 38 2.27 -22.87 -8.76
N ILE A 39 2.37 -24.20 -8.73
CA ILE A 39 1.66 -25.06 -9.67
C ILE A 39 0.23 -25.29 -9.17
N GLY A 40 -0.75 -25.02 -10.02
CA GLY A 40 -2.14 -25.42 -9.80
C GLY A 40 -2.87 -24.54 -8.77
N ILE A 41 -2.35 -23.35 -8.48
CA ILE A 41 -3.02 -22.35 -7.64
C ILE A 41 -4.24 -21.73 -8.38
N ASP A 42 -4.22 -21.80 -9.72
CA ASP A 42 -5.37 -21.62 -10.60
C ASP A 42 -6.12 -22.96 -10.64
N LYS A 43 -7.31 -23.00 -10.01
CA LYS A 43 -8.20 -24.15 -9.90
C LYS A 43 -8.61 -24.76 -11.27
N ASP A 44 -8.65 -23.93 -12.32
CA ASP A 44 -8.95 -24.33 -13.70
C ASP A 44 -7.96 -25.38 -14.23
N ARG A 45 -6.69 -25.25 -13.84
CA ARG A 45 -5.59 -26.03 -14.38
C ARG A 45 -4.63 -26.38 -13.24
N ALA A 46 -4.91 -27.48 -12.53
CA ALA A 46 -4.12 -27.99 -11.41
C ALA A 46 -2.65 -28.40 -11.73
N ALA A 47 -2.20 -28.16 -12.97
CA ALA A 47 -0.83 -28.38 -13.45
C ALA A 47 -0.22 -27.10 -14.08
N LYS A 48 -0.95 -25.97 -14.09
CA LYS A 48 -0.44 -24.71 -14.64
C LYS A 48 0.48 -24.02 -13.62
N PRO A 49 1.73 -23.68 -14.01
CA PRO A 49 2.58 -22.77 -13.21
C PRO A 49 2.04 -21.33 -13.25
N VAL A 50 1.86 -20.72 -12.08
CA VAL A 50 1.52 -19.32 -11.93
C VAL A 50 2.62 -18.67 -11.09
N THR A 51 3.14 -17.52 -11.54
CA THR A 51 4.08 -16.73 -10.76
C THR A 51 3.34 -16.03 -9.62
N VAL A 52 3.86 -16.17 -8.40
CA VAL A 52 3.32 -15.58 -7.18
C VAL A 52 4.47 -14.87 -6.43
N ALA A 53 4.10 -14.09 -5.43
CA ALA A 53 5.03 -13.56 -4.44
C ALA A 53 4.76 -14.32 -3.14
N VAL A 54 5.83 -14.68 -2.44
CA VAL A 54 5.74 -15.42 -1.19
C VAL A 54 6.28 -14.51 -0.11
N LYS A 55 5.45 -14.20 0.89
CA LYS A 55 5.88 -13.50 2.09
C LYS A 55 6.32 -14.54 3.12
N MET A 56 7.45 -14.28 3.78
CA MET A 56 8.06 -15.19 4.74
C MET A 56 8.86 -14.37 5.76
N LEU A 57 9.19 -15.02 6.88
CA LEU A 57 10.06 -14.47 7.89
C LEU A 57 11.53 -14.56 7.49
N LYS A 58 12.29 -13.56 7.95
CA LYS A 58 13.75 -13.53 8.01
C LYS A 58 14.27 -14.66 8.94
N ASP A 59 15.51 -15.12 8.72
CA ASP A 59 16.14 -16.23 9.46
C ASP A 59 16.24 -15.98 10.98
N ASP A 60 16.42 -14.71 11.37
CA ASP A 60 16.58 -14.24 12.75
C ASP A 60 15.22 -13.88 13.41
N ALA A 61 14.10 -14.30 12.81
CA ALA A 61 12.76 -13.97 13.30
C ALA A 61 12.41 -14.58 14.67
N THR A 62 11.56 -13.86 15.40
CA THR A 62 11.06 -14.24 16.70
C THR A 62 9.65 -14.87 16.58
N ASP A 63 9.16 -15.46 17.68
CA ASP A 63 7.80 -15.98 17.82
C ASP A 63 6.73 -14.89 17.65
N LYS A 64 7.06 -13.65 18.07
CA LYS A 64 6.21 -12.48 17.88
C LYS A 64 6.03 -12.18 16.38
N ASP A 65 7.14 -12.12 15.64
CA ASP A 65 7.17 -11.93 14.17
C ASP A 65 6.31 -12.98 13.44
N LEU A 66 6.40 -14.25 13.88
CA LEU A 66 5.58 -15.34 13.35
C LEU A 66 4.09 -15.12 13.60
N SER A 67 3.71 -14.78 14.83
CA SER A 67 2.32 -14.48 15.20
C SER A 67 1.73 -13.30 14.40
N ASP A 68 2.55 -12.28 14.13
CA ASP A 68 2.23 -11.14 13.29
C ASP A 68 1.97 -11.54 11.82
N LEU A 69 2.80 -12.44 11.27
CA LEU A 69 2.61 -12.97 9.91
C LEU A 69 1.35 -13.84 9.80
N VAL A 70 1.11 -14.69 10.82
CA VAL A 70 -0.12 -15.46 10.95
C VAL A 70 -1.36 -14.55 11.05
N SER A 71 -1.30 -13.49 11.88
CA SER A 71 -2.36 -12.51 12.03
C SER A 71 -2.68 -11.80 10.70
N GLU A 72 -1.64 -11.48 9.91
CA GLU A 72 -1.81 -10.87 8.60
C GLU A 72 -2.55 -11.80 7.64
N MET A 73 -2.09 -13.06 7.56
CA MET A 73 -2.72 -14.10 6.74
C MET A 73 -4.21 -14.27 7.07
N GLU A 74 -4.53 -14.41 8.36
CA GLU A 74 -5.91 -14.52 8.83
C GLU A 74 -6.75 -13.27 8.52
N MET A 75 -6.16 -12.07 8.65
CA MET A 75 -6.83 -10.83 8.30
CA MET A 75 -6.86 -10.83 8.31
C MET A 75 -7.13 -10.74 6.79
N MET A 76 -6.21 -11.20 5.95
CA MET A 76 -6.43 -11.23 4.50
C MET A 76 -7.60 -12.14 4.10
N LYS A 77 -7.74 -13.31 4.74
CA LYS A 77 -8.89 -14.20 4.57
C LYS A 77 -10.22 -13.50 4.91
N MET A 78 -10.24 -12.76 6.03
CA MET A 78 -11.43 -12.05 6.50
C MET A 78 -11.84 -10.92 5.57
N ILE A 79 -10.86 -10.16 5.08
CA ILE A 79 -11.12 -8.97 4.26
C ILE A 79 -11.67 -9.33 2.86
N GLY A 80 -11.28 -10.47 2.30
CA GLY A 80 -11.77 -10.92 1.00
C GLY A 80 -11.06 -10.20 -0.15
N LYS A 81 -11.40 -10.61 -1.37
CA LYS A 81 -10.72 -10.21 -2.59
C LYS A 81 -11.22 -8.90 -3.20
N HIS A 82 -10.28 -8.12 -3.75
CA HIS A 82 -10.58 -6.97 -4.57
C HIS A 82 -9.50 -6.80 -5.63
N LYS A 83 -9.90 -6.32 -6.81
CA LYS A 83 -8.98 -6.03 -7.92
C LYS A 83 -7.83 -5.10 -7.53
N ASN A 84 -8.06 -4.14 -6.60
CA ASN A 84 -7.07 -3.12 -6.25
C ASN A 84 -6.35 -3.36 -4.93
N ILE A 85 -6.27 -4.63 -4.49
CA ILE A 85 -5.44 -5.02 -3.37
C ILE A 85 -4.57 -6.23 -3.79
N ILE A 86 -3.44 -6.41 -3.11
CA ILE A 86 -2.63 -7.61 -3.25
C ILE A 86 -3.33 -8.76 -2.50
N ASN A 87 -3.97 -9.65 -3.26
CA ASN A 87 -4.80 -10.71 -2.71
C ASN A 87 -3.97 -11.89 -2.20
N LEU A 88 -4.50 -12.52 -1.16
CA LEU A 88 -4.03 -13.81 -0.66
C LEU A 88 -4.42 -14.89 -1.67
N LEU A 89 -3.47 -15.77 -1.99
CA LEU A 89 -3.70 -16.88 -2.91
C LEU A 89 -3.59 -18.24 -2.21
N GLY A 90 -2.84 -18.33 -1.10
CA GLY A 90 -2.69 -19.59 -0.40
C GLY A 90 -1.61 -19.45 0.67
N ALA A 91 -1.32 -20.56 1.36
CA ALA A 91 -0.30 -20.59 2.39
C ALA A 91 0.27 -22.01 2.53
N CYS A 92 1.50 -22.09 3.02
CA CYS A 92 2.11 -23.33 3.50
C CYS A 92 2.28 -23.10 5.01
N THR A 93 1.45 -23.74 5.84
CA THR A 93 1.38 -23.47 7.28
C THR A 93 1.88 -24.66 8.13
N GLN A 94 1.81 -25.88 7.58
CA GLN A 94 2.33 -27.09 8.20
C GLN A 94 3.52 -27.58 7.38
N GLY A 95 4.49 -28.25 8.02
CA GLY A 95 5.62 -28.87 7.34
C GLY A 95 6.85 -27.95 7.21
N GLY A 96 6.99 -26.93 8.06
CA GLY A 96 8.18 -26.09 8.11
C GLY A 96 7.80 -24.60 8.14
N PRO A 97 8.61 -23.69 7.53
CA PRO A 97 8.44 -22.24 7.69
C PRO A 97 7.13 -21.72 7.08
N LEU A 98 6.53 -20.71 7.71
CA LEU A 98 5.31 -20.11 7.20
C LEU A 98 5.58 -19.35 5.89
N TYR A 99 4.93 -19.79 4.80
CA TYR A 99 4.94 -19.10 3.51
C TYR A 99 3.51 -18.63 3.23
N VAL A 100 3.34 -17.33 3.00
CA VAL A 100 2.06 -16.74 2.66
C VAL A 100 2.15 -16.28 1.19
N LEU A 101 1.37 -16.92 0.32
CA LEU A 101 1.36 -16.69 -1.12
C LEU A 101 0.37 -15.57 -1.43
N VAL A 102 0.86 -14.53 -2.11
CA VAL A 102 0.08 -13.40 -2.53
C VAL A 102 0.37 -13.10 -4.01
N GLU A 103 -0.44 -12.24 -4.61
CA GLU A 103 -0.31 -11.89 -6.01
C GLU A 103 1.04 -11.27 -6.37
N TYR A 104 1.57 -11.69 -7.51
CA TYR A 104 2.73 -11.10 -8.14
C TYR A 104 2.32 -9.92 -9.03
N ALA A 105 3.04 -8.81 -8.91
CA ALA A 105 2.78 -7.58 -9.64
C ALA A 105 4.02 -7.27 -10.48
N ALA A 106 3.99 -7.63 -11.77
CA ALA A 106 5.18 -7.64 -12.63
C ALA A 106 5.94 -6.32 -12.77
N LYS A 107 5.28 -5.16 -12.61
CA LYS A 107 5.95 -3.86 -12.75
C LYS A 107 6.50 -3.30 -11.44
N GLY A 108 6.35 -4.04 -10.34
CA GLY A 108 6.93 -3.68 -9.04
C GLY A 108 6.19 -2.50 -8.41
N ASN A 109 6.80 -1.88 -7.40
CA ASN A 109 6.09 -0.88 -6.61
C ASN A 109 5.86 0.44 -7.37
N LEU A 110 4.79 1.13 -7.00
CA LEU A 110 4.34 2.33 -7.67
C LEU A 110 5.35 3.47 -7.58
N ARG A 111 6.02 3.63 -6.44
CA ARG A 111 7.00 4.70 -6.30
C ARG A 111 8.16 4.53 -7.30
N GLU A 112 8.72 3.32 -7.39
CA GLU A 112 9.77 3.01 -8.37
C GLU A 112 9.26 3.12 -9.82
N PHE A 113 8.01 2.70 -10.07
CA PHE A 113 7.38 2.82 -11.38
C PHE A 113 7.31 4.29 -11.86
N LEU A 114 6.88 5.18 -10.96
CA LEU A 114 6.78 6.61 -11.24
C LEU A 114 8.16 7.23 -11.47
N ARG A 115 9.13 6.87 -10.61
CA ARG A 115 10.50 7.41 -10.70
C ARG A 115 11.21 7.01 -12.00
N ALA A 116 10.90 5.81 -12.51
CA ALA A 116 11.46 5.32 -13.77
C ALA A 116 10.87 6.05 -15.00
N ARG A 117 9.79 6.81 -14.82
CA ARG A 117 9.05 7.45 -15.90
C ARG A 117 9.16 8.97 -15.86
N ARG A 118 10.11 9.54 -15.10
CA ARG A 118 10.48 10.96 -15.19
C ARG A 118 11.18 11.30 -16.51
N SER A 119 12.00 10.40 -17.02
CA SER A 119 12.88 10.63 -18.16
C SER A 119 13.19 9.28 -18.83
N GLY A 120 12.16 8.68 -19.42
CA GLY A 120 12.27 7.53 -20.29
C GLY A 120 11.27 7.74 -21.43
N GLU A 121 11.12 6.72 -22.30
CA GLU A 121 10.13 6.71 -23.37
C GLU A 121 8.71 6.44 -22.86
N GLU A 122 8.60 5.68 -21.76
CA GLU A 122 7.33 5.35 -21.12
C GLU A 122 6.83 6.50 -20.23
N GLN A 123 6.73 7.70 -20.81
CA GLN A 123 6.15 8.88 -20.19
C GLN A 123 4.69 8.63 -19.81
N LEU A 124 4.34 8.96 -18.57
CA LEU A 124 2.99 8.85 -18.06
C LEU A 124 2.23 10.12 -18.46
N THR A 125 1.04 9.92 -19.00
CA THR A 125 0.12 11.01 -19.31
C THR A 125 -0.62 11.42 -18.01
N PHE A 126 -1.23 12.61 -18.02
CA PHE A 126 -2.11 13.06 -16.94
C PHE A 126 -3.22 12.04 -16.62
N LYS A 127 -3.89 11.52 -17.66
CA LYS A 127 -4.90 10.47 -17.54
C LYS A 127 -4.38 9.18 -16.87
N ASP A 128 -3.15 8.75 -17.20
CA ASP A 128 -2.49 7.61 -16.54
C ASP A 128 -2.31 7.84 -15.03
N LEU A 129 -1.88 9.05 -14.66
CA LEU A 129 -1.65 9.43 -13.27
C LEU A 129 -2.98 9.49 -12.49
N VAL A 130 -4.00 10.09 -13.09
CA VAL A 130 -5.33 10.11 -12.47
C VAL A 130 -5.91 8.68 -12.34
N SER A 131 -5.70 7.83 -13.36
CA SER A 131 -6.08 6.42 -13.31
C SER A 131 -5.41 5.68 -12.13
N CYS A 132 -4.11 5.91 -11.93
CA CYS A 132 -3.35 5.37 -10.78
CA CYS A 132 -3.38 5.38 -10.79
C CYS A 132 -4.03 5.76 -9.45
N ALA A 133 -4.34 7.05 -9.30
CA ALA A 133 -4.94 7.57 -8.07
C ALA A 133 -6.35 6.98 -7.86
N TYR A 134 -7.14 6.93 -8.94
CA TYR A 134 -8.49 6.36 -8.93
C TYR A 134 -8.50 4.90 -8.45
N GLN A 135 -7.59 4.10 -9.01
CA GLN A 135 -7.48 2.70 -8.62
C GLN A 135 -7.09 2.50 -7.15
N VAL A 136 -6.15 3.29 -6.64
CA VAL A 136 -5.79 3.21 -5.23
C VAL A 136 -6.98 3.64 -4.33
N ALA A 137 -7.71 4.70 -4.73
CA ALA A 137 -8.94 5.12 -4.05
C ALA A 137 -9.99 4.00 -4.04
N ARG A 138 -10.15 3.28 -5.15
CA ARG A 138 -11.09 2.15 -5.23
C ARG A 138 -10.69 1.02 -4.26
N GLY A 139 -9.39 0.71 -4.18
CA GLY A 139 -8.92 -0.34 -3.28
C GLY A 139 -9.11 0.08 -1.82
N MET A 140 -8.84 1.34 -1.49
CA MET A 140 -9.07 1.88 -0.16
C MET A 140 -10.55 1.97 0.23
N GLU A 141 -11.40 2.33 -0.72
CA GLU A 141 -12.86 2.28 -0.52
C GLU A 141 -13.32 0.88 -0.14
N TYR A 142 -12.78 -0.14 -0.83
CA TYR A 142 -13.07 -1.53 -0.49
C TYR A 142 -12.59 -1.88 0.91
N LEU A 143 -11.32 -1.60 1.22
CA LEU A 143 -10.76 -1.88 2.54
C LEU A 143 -11.56 -1.19 3.67
N ALA A 144 -11.92 0.09 3.50
CA ALA A 144 -12.75 0.81 4.47
C ALA A 144 -14.14 0.17 4.67
N SER A 145 -14.76 -0.34 3.59
CA SER A 145 -16.02 -1.07 3.67
C SER A 145 -15.92 -2.40 4.46
N GLN A 146 -14.71 -2.97 4.55
CA GLN A 146 -14.44 -4.17 5.34
C GLN A 146 -13.85 -3.82 6.72
N LYS A 147 -13.91 -2.54 7.11
CA LYS A 147 -13.42 -1.99 8.38
C LYS A 147 -11.90 -2.20 8.56
N CYS A 148 -11.18 -2.19 7.43
CA CYS A 148 -9.74 -2.33 7.41
C CYS A 148 -9.14 -0.92 7.41
N ILE A 149 -8.26 -0.64 8.38
CA ILE A 149 -7.47 0.58 8.43
C ILE A 149 -6.02 0.17 8.12
N HIS A 150 -5.44 0.77 7.08
CA HIS A 150 -4.12 0.42 6.55
C HIS A 150 -2.99 0.80 7.52
N ARG A 151 -3.03 2.05 7.99
CA ARG A 151 -2.07 2.68 8.90
CA ARG A 151 -2.09 2.73 8.88
C ARG A 151 -0.74 3.14 8.27
N ASP A 152 -0.45 2.79 7.02
CA ASP A 152 0.75 3.28 6.37
C ASP A 152 0.60 3.34 4.85
N LEU A 153 -0.44 4.01 4.37
CA LEU A 153 -0.68 4.12 2.94
C LEU A 153 0.34 5.07 2.30
N ALA A 154 1.09 4.56 1.32
CA ALA A 154 2.17 5.28 0.65
C ALA A 154 2.43 4.57 -0.69
N ALA A 155 3.00 5.28 -1.66
CA ALA A 155 3.22 4.72 -2.99
C ALA A 155 4.17 3.51 -2.98
N ARG A 156 5.15 3.45 -2.07
CA ARG A 156 5.98 2.26 -1.89
C ARG A 156 5.15 1.00 -1.54
N ASN A 157 3.99 1.20 -0.91
CA ASN A 157 3.12 0.10 -0.46
C ASN A 157 2.00 -0.19 -1.46
N VAL A 158 2.11 0.31 -2.70
CA VAL A 158 1.23 -0.04 -3.81
C VAL A 158 2.10 -0.67 -4.90
N LEU A 159 1.59 -1.74 -5.49
CA LEU A 159 2.23 -2.54 -6.53
C LEU A 159 1.48 -2.34 -7.85
N VAL A 160 2.20 -2.52 -8.95
CA VAL A 160 1.69 -2.31 -10.30
C VAL A 160 1.84 -3.62 -11.08
N THR A 161 0.73 -4.15 -11.60
CA THR A 161 0.74 -5.39 -12.40
C THR A 161 1.21 -5.13 -13.84
N GLU A 162 1.39 -6.21 -14.62
CA GLU A 162 1.70 -6.12 -16.05
C GLU A 162 0.66 -5.33 -16.87
N ASP A 163 -0.59 -5.34 -16.42
CA ASP A 163 -1.72 -4.65 -17.06
C ASP A 163 -1.96 -3.25 -16.44
N ASN A 164 -1.02 -2.73 -15.65
CA ASN A 164 -1.08 -1.41 -14.99
C ASN A 164 -2.23 -1.30 -13.97
N VAL A 165 -2.59 -2.41 -13.35
CA VAL A 165 -3.54 -2.39 -12.25
C VAL A 165 -2.78 -2.06 -10.96
N MET A 166 -3.29 -1.12 -10.18
CA MET A 166 -2.72 -0.75 -8.88
C MET A 166 -3.27 -1.71 -7.85
N LYS A 167 -2.39 -2.25 -7.00
CA LYS A 167 -2.78 -3.17 -5.93
C LYS A 167 -2.11 -2.73 -4.62
N ILE A 168 -2.92 -2.37 -3.63
CA ILE A 168 -2.44 -2.00 -2.29
C ILE A 168 -1.93 -3.24 -1.54
N ALA A 169 -0.72 -3.13 -0.98
CA ALA A 169 -0.11 -4.17 -0.19
C ALA A 169 -0.07 -3.78 1.29
N ASP A 170 0.08 -4.81 2.15
CA ASP A 170 0.37 -4.69 3.59
C ASP A 170 -0.73 -3.93 4.34
N PHE A 171 -1.97 -4.16 3.90
CA PHE A 171 -3.19 -3.65 4.54
C PHE A 171 -3.62 -4.50 5.74
N GLY A 172 -3.15 -5.75 5.81
CA GLY A 172 -3.64 -6.73 6.77
C GLY A 172 -2.78 -6.79 8.03
N LEU A 173 -1.79 -5.90 8.22
CA LEU A 173 -0.86 -5.97 9.34
C LEU A 173 -1.59 -5.71 10.68
N ALA A 174 -1.05 -6.31 11.74
CA ALA A 174 -1.51 -6.09 13.11
C ALA A 174 -1.13 -4.68 13.58
N ARG A 175 -1.97 -4.05 14.40
CA ARG A 175 -1.64 -2.74 14.99
C ARG A 175 -0.34 -2.78 15.84
N ASP A 176 -0.02 -3.93 16.43
CA ASP A 176 1.18 -4.18 17.24
C ASP A 176 2.50 -3.91 16.49
N VAL A 177 2.54 -4.13 15.17
CA VAL A 177 3.75 -3.87 14.38
C VAL A 177 3.87 -2.39 13.97
N HIS A 178 2.76 -1.66 13.99
CA HIS A 178 2.72 -0.21 13.78
C HIS A 178 2.85 0.53 15.11
N ASN A 179 3.95 0.22 15.81
CA ASN A 179 4.45 1.00 16.93
C ASN A 179 5.23 2.21 16.39
N LEU A 180 5.45 3.23 17.22
CA LEU A 180 6.05 4.48 16.77
C LEU A 180 7.52 4.36 16.31
N ASP A 181 8.23 3.31 16.76
CA ASP A 181 9.57 2.94 16.28
C ASP A 181 9.60 2.67 14.76
N TYR A 182 8.58 1.98 14.23
CA TYR A 182 8.45 1.74 12.80
C TYR A 182 8.40 3.05 11.98
N TYR A 183 7.64 4.02 12.47
CA TYR A 183 7.40 5.27 11.74
C TYR A 183 8.61 6.22 11.75
N LYS A 184 9.45 6.11 12.79
CA LYS A 184 10.58 7.01 13.03
C LYS A 184 11.93 6.46 12.54
N LYS A 185 11.95 5.25 11.98
CA LYS A 185 13.16 4.65 11.41
C LYS A 185 13.00 4.55 9.90
N THR A 186 14.09 4.74 9.15
CA THR A 186 14.07 4.57 7.71
C THR A 186 13.79 3.10 7.33
N THR A 187 12.90 2.90 6.37
CA THR A 187 12.71 1.60 5.75
C THR A 187 12.48 1.88 4.28
N ASN A 188 13.19 1.15 3.40
CA ASN A 188 12.94 1.18 1.95
C ASN A 188 12.90 2.61 1.40
N GLY A 189 13.88 3.44 1.77
CA GLY A 189 14.04 4.80 1.26
C GLY A 189 12.95 5.77 1.73
N ARG A 190 12.29 5.51 2.86
CA ARG A 190 11.28 6.41 3.39
C ARG A 190 11.20 6.38 4.93
N LEU A 191 10.67 7.47 5.48
CA LEU A 191 10.44 7.66 6.91
C LEU A 191 8.91 7.69 7.09
N PRO A 192 8.31 6.55 7.49
CA PRO A 192 6.84 6.43 7.40
C PRO A 192 6.02 7.47 8.17
N VAL A 193 6.59 8.09 9.22
CA VAL A 193 5.92 9.16 9.96
C VAL A 193 5.49 10.36 9.07
N LYS A 194 6.17 10.60 7.93
CA LYS A 194 5.80 11.69 7.02
C LYS A 194 4.47 11.47 6.26
N TRP A 195 3.89 10.27 6.32
CA TRP A 195 2.56 10.00 5.77
C TRP A 195 1.46 10.01 6.84
N MET A 196 1.82 10.18 8.12
CA MET A 196 0.89 9.99 9.22
C MET A 196 0.11 11.28 9.49
N ALA A 197 -1.22 11.15 9.66
CA ALA A 197 -2.05 12.27 10.10
C ALA A 197 -1.61 12.79 11.49
N PRO A 198 -1.63 14.12 11.72
CA PRO A 198 -1.22 14.70 13.01
C PRO A 198 -1.89 14.11 14.26
N GLU A 199 -3.19 13.85 14.19
CA GLU A 199 -3.95 13.29 15.30
C GLU A 199 -3.60 11.81 15.53
N ALA A 200 -3.19 11.09 14.47
CA ALA A 200 -2.78 9.70 14.59
C ALA A 200 -1.45 9.60 15.35
N LEU A 201 -0.52 10.54 15.08
CA LEU A 201 0.71 10.66 15.87
C LEU A 201 0.40 10.97 17.34
N PHE A 202 -0.39 12.03 17.55
CA PHE A 202 -0.62 12.61 18.87
C PHE A 202 -1.47 11.71 19.78
N ASP A 203 -2.55 11.15 19.23
CA ASP A 203 -3.51 10.33 19.98
C ASP A 203 -3.15 8.84 19.95
N ARG A 204 -2.24 8.42 19.06
CA ARG A 204 -1.80 7.02 18.89
C ARG A 204 -2.96 6.08 18.56
N VAL A 205 -3.85 6.52 17.69
CA VAL A 205 -4.98 5.74 17.20
C VAL A 205 -5.17 6.13 15.72
N TYR A 206 -5.41 5.11 14.90
CA TYR A 206 -5.58 5.26 13.46
C TYR A 206 -7.05 4.99 13.11
N THR A 207 -7.48 5.62 12.02
CA THR A 207 -8.86 5.61 11.57
C THR A 207 -8.87 5.63 10.03
N HIS A 208 -10.05 5.46 9.41
CA HIS A 208 -10.19 5.71 7.97
C HIS A 208 -9.85 7.17 7.60
N GLN A 209 -10.10 8.11 8.52
CA GLN A 209 -9.82 9.52 8.28
C GLN A 209 -8.31 9.79 8.27
N SER A 210 -7.54 9.11 9.14
CA SER A 210 -6.07 9.19 9.07
C SER A 210 -5.52 8.50 7.81
N ASP A 211 -6.16 7.41 7.34
CA ASP A 211 -5.82 6.86 6.03
C ASP A 211 -6.09 7.82 4.86
N VAL A 212 -7.17 8.60 4.91
CA VAL A 212 -7.43 9.60 3.89
C VAL A 212 -6.34 10.69 3.85
N TRP A 213 -5.85 11.12 5.02
CA TRP A 213 -4.67 12.01 5.08
C TRP A 213 -3.49 11.40 4.31
N SER A 214 -3.17 10.14 4.65
CA SER A 214 -2.06 9.44 3.99
C SER A 214 -2.29 9.32 2.47
N PHE A 215 -3.54 9.14 2.05
CA PHE A 215 -3.90 9.13 0.63
C PHE A 215 -3.58 10.46 -0.06
N GLY A 216 -3.80 11.59 0.62
CA GLY A 216 -3.43 12.92 0.10
C GLY A 216 -1.92 12.98 -0.14
N VAL A 217 -1.13 12.42 0.78
CA VAL A 217 0.32 12.36 0.59
C VAL A 217 0.69 11.44 -0.60
N LEU A 218 0.02 10.28 -0.72
CA LEU A 218 0.16 9.40 -1.87
C LEU A 218 -0.18 10.07 -3.22
N LEU A 219 -1.25 10.87 -3.22
CA LEU A 219 -1.67 11.64 -4.38
C LEU A 219 -0.57 12.63 -4.80
N TRP A 220 0.04 13.31 -3.81
CA TRP A 220 1.18 14.19 -4.05
C TRP A 220 2.39 13.41 -4.59
N GLU A 221 2.64 12.19 -4.07
CA GLU A 221 3.68 11.32 -4.63
C GLU A 221 3.42 11.00 -6.11
N ILE A 222 2.17 10.68 -6.47
CA ILE A 222 1.82 10.37 -7.85
C ILE A 222 2.12 11.56 -8.78
N PHE A 223 1.65 12.75 -8.40
CA PHE A 223 1.75 13.93 -9.26
C PHE A 223 3.12 14.62 -9.26
N THR A 224 4.03 14.22 -8.35
CA THR A 224 5.45 14.56 -8.43
C THR A 224 6.26 13.41 -9.06
N LEU A 225 5.62 12.34 -9.55
CA LEU A 225 6.32 11.18 -10.12
CA LEU A 225 6.31 11.18 -10.11
C LEU A 225 7.31 10.54 -9.10
N GLY A 226 6.84 10.40 -7.86
CA GLY A 226 7.50 9.69 -6.79
C GLY A 226 8.36 10.63 -5.95
N GLY A 227 7.99 11.90 -5.77
CA GLY A 227 8.69 12.82 -4.87
C GLY A 227 8.67 12.30 -3.42
N SER A 228 9.69 12.70 -2.64
CA SER A 228 9.72 12.41 -1.21
C SER A 228 9.07 13.61 -0.47
N PRO A 229 8.13 13.33 0.44
CA PRO A 229 7.30 14.40 1.04
C PRO A 229 8.07 15.34 1.97
N TYR A 230 7.53 16.56 2.09
CA TYR A 230 8.04 17.64 2.94
C TYR A 230 9.51 17.94 2.70
N PRO A 231 9.88 18.22 1.43
CA PRO A 231 11.29 18.42 1.09
C PRO A 231 11.95 19.50 1.94
N GLY A 232 13.07 19.13 2.58
CA GLY A 232 13.89 20.07 3.33
C GLY A 232 13.44 20.29 4.78
N ILE A 233 12.34 19.69 5.23
CA ILE A 233 11.87 19.92 6.60
C ILE A 233 12.40 18.79 7.51
N PRO A 234 13.18 19.12 8.57
CA PRO A 234 13.57 18.13 9.59
C PRO A 234 12.35 17.46 10.22
N VAL A 235 12.42 16.14 10.38
CA VAL A 235 11.30 15.37 10.91
C VAL A 235 10.91 15.79 12.34
N GLU A 236 11.87 16.23 13.16
CA GLU A 236 11.62 16.79 14.50
C GLU A 236 10.82 18.10 14.50
N GLU A 237 10.70 18.78 13.35
CA GLU A 237 10.00 20.06 13.23
C GLU A 237 8.66 19.95 12.49
N LEU A 238 8.42 18.81 11.80
CA LEU A 238 7.31 18.61 10.89
C LEU A 238 5.92 18.78 11.55
N PHE A 239 5.69 18.10 12.67
CA PHE A 239 4.34 18.09 13.25
C PHE A 239 3.91 19.41 13.85
N LYS A 240 4.86 20.19 14.39
CA LYS A 240 4.59 21.57 14.80
C LYS A 240 4.22 22.46 13.59
N LEU A 241 4.92 22.30 12.46
CA LEU A 241 4.59 23.00 11.22
C LEU A 241 3.20 22.61 10.69
N LEU A 242 2.88 21.32 10.72
CA LEU A 242 1.55 20.83 10.33
C LEU A 242 0.44 21.43 11.23
N LYS A 243 0.68 21.50 12.55
CA LYS A 243 -0.26 22.12 13.49
C LYS A 243 -0.50 23.62 13.18
N GLU A 244 0.55 24.33 12.79
CA GLU A 244 0.52 25.73 12.34
C GLU A 244 -0.10 25.94 10.94
N GLY A 245 -0.40 24.86 10.22
CA GLY A 245 -1.14 24.90 8.98
C GLY A 245 -0.26 24.73 7.74
N HIS A 246 1.03 24.38 7.88
CA HIS A 246 1.87 24.04 6.74
C HIS A 246 1.30 22.85 5.97
N ARG A 247 1.23 22.97 4.65
CA ARG A 247 0.90 21.87 3.77
C ARG A 247 1.81 21.92 2.57
N MET A 248 2.03 20.77 1.94
CA MET A 248 2.84 20.71 0.73
C MET A 248 2.22 21.53 -0.40
N ASP A 249 3.09 22.18 -1.15
CA ASP A 249 2.73 22.96 -2.33
C ASP A 249 2.21 22.05 -3.45
N LYS A 250 1.49 22.67 -4.39
CA LYS A 250 1.01 22.00 -5.59
C LYS A 250 2.19 21.47 -6.42
N PRO A 251 2.18 20.16 -6.78
CA PRO A 251 3.18 19.65 -7.73
C PRO A 251 3.18 20.44 -9.05
N ALA A 252 4.35 20.63 -9.66
CA ALA A 252 4.42 21.27 -10.96
C ALA A 252 3.49 20.57 -11.99
N ASN A 253 2.79 21.37 -12.79
CA ASN A 253 1.90 20.92 -13.87
C ASN A 253 0.61 20.21 -13.37
N CYS A 254 0.44 20.07 -12.05
CA CYS A 254 -0.77 19.49 -11.45
C CYS A 254 -1.92 20.48 -11.66
N THR A 255 -3.11 19.97 -11.97
CA THR A 255 -4.28 20.81 -12.13
C THR A 255 -4.83 21.21 -10.74
N HIS A 256 -5.59 22.31 -10.72
CA HIS A 256 -6.29 22.82 -9.54
C HIS A 256 -7.21 21.77 -8.90
N ASP A 257 -7.92 21.00 -9.73
CA ASP A 257 -8.83 19.92 -9.31
C ASP A 257 -8.13 18.86 -8.46
N LEU A 258 -6.98 18.40 -8.92
CA LEU A 258 -6.22 17.38 -8.20
C LEU A 258 -5.60 17.95 -6.92
N TYR A 259 -5.13 19.21 -6.95
CA TYR A 259 -4.57 19.80 -5.75
C TYR A 259 -5.66 20.09 -4.69
N MET A 260 -6.86 20.42 -5.14
CA MET A 260 -8.03 20.56 -4.27
C MET A 260 -8.31 19.26 -3.50
N ILE A 261 -8.21 18.13 -4.19
CA ILE A 261 -8.39 16.83 -3.58
C ILE A 261 -7.31 16.56 -2.52
N MET A 262 -6.03 16.81 -2.84
CA MET A 262 -4.94 16.71 -1.86
C MET A 262 -5.20 17.55 -0.60
N ARG A 263 -5.56 18.81 -0.81
CA ARG A 263 -5.79 19.74 0.28
C ARG A 263 -6.97 19.34 1.15
N GLU A 264 -8.02 18.77 0.54
CA GLU A 264 -9.15 18.28 1.31
CA GLU A 264 -9.16 18.27 1.32
C GLU A 264 -8.78 17.07 2.20
N CYS A 265 -7.93 16.19 1.69
CA CYS A 265 -7.37 15.05 2.45
C CYS A 265 -6.58 15.51 3.69
N TRP A 266 -6.00 16.70 3.64
CA TRP A 266 -5.16 17.21 4.73
C TRP A 266 -5.88 18.26 5.57
N HIS A 267 -7.22 18.28 5.60
CA HIS A 267 -7.90 19.10 6.58
CA HIS A 267 -7.93 19.08 6.60
C HIS A 267 -7.50 18.72 8.03
N ALA A 268 -7.28 19.71 8.90
CA ALA A 268 -6.90 19.47 10.29
C ALA A 268 -7.97 18.68 11.06
N ALA A 269 -9.24 19.01 10.84
CA ALA A 269 -10.38 18.27 11.39
C ALA A 269 -10.62 16.98 10.58
N PRO A 270 -10.43 15.78 11.17
CA PRO A 270 -10.69 14.50 10.46
C PRO A 270 -12.09 14.42 9.80
N SER A 271 -13.11 14.99 10.45
CA SER A 271 -14.50 15.00 9.95
C SER A 271 -14.69 15.86 8.68
N GLN A 272 -13.74 16.74 8.36
CA GLN A 272 -13.81 17.62 7.20
C GLN A 272 -13.09 17.04 5.97
N ARG A 273 -12.42 15.91 6.13
CA ARG A 273 -11.78 15.19 5.01
C ARG A 273 -12.85 14.44 4.21
N PRO A 274 -12.60 14.21 2.91
CA PRO A 274 -13.47 13.32 2.14
C PRO A 274 -13.34 11.88 2.64
N THR A 275 -14.37 11.07 2.47
CA THR A 275 -14.24 9.62 2.62
C THR A 275 -13.60 9.03 1.35
N PHE A 276 -13.19 7.76 1.43
CA PHE A 276 -12.75 7.05 0.23
C PHE A 276 -13.81 6.96 -0.87
N LYS A 277 -15.08 6.78 -0.48
CA LYS A 277 -16.19 6.84 -1.43
C LYS A 277 -16.24 8.17 -2.21
N GLN A 278 -16.09 9.30 -1.50
CA GLN A 278 -16.04 10.64 -2.11
C GLN A 278 -14.84 10.80 -3.04
N LEU A 279 -13.69 10.29 -2.60
CA LEU A 279 -12.45 10.39 -3.38
C LEU A 279 -12.57 9.64 -4.71
N VAL A 280 -13.16 8.45 -4.68
CA VAL A 280 -13.48 7.70 -5.90
C VAL A 280 -14.35 8.55 -6.85
N GLU A 281 -15.42 9.16 -6.34
CA GLU A 281 -16.29 9.99 -7.15
CA GLU A 281 -16.31 10.01 -7.12
C GLU A 281 -15.56 11.23 -7.73
N ASP A 282 -14.71 11.86 -6.91
CA ASP A 282 -13.95 13.06 -7.27
C ASP A 282 -12.94 12.77 -8.36
N LEU A 283 -12.23 11.64 -8.23
CA LEU A 283 -11.24 11.21 -9.21
C LEU A 283 -11.91 10.71 -10.50
N ASP A 284 -13.08 10.03 -10.39
CA ASP A 284 -13.92 9.67 -11.53
C ASP A 284 -14.37 10.91 -12.33
N ARG A 285 -14.71 11.99 -11.61
CA ARG A 285 -15.14 13.24 -12.23
C ARG A 285 -14.02 13.86 -13.08
N VAL A 286 -12.80 13.88 -12.54
CA VAL A 286 -11.60 14.30 -13.26
C VAL A 286 -11.37 13.45 -14.54
N LEU A 287 -11.48 12.11 -14.44
CA LEU A 287 -11.37 11.21 -15.60
C LEU A 287 -12.44 11.44 -16.66
N THR A 288 -13.68 11.72 -16.22
CA THR A 288 -14.82 11.99 -17.09
C THR A 288 -14.70 13.35 -17.82
N VAL A 289 -14.17 14.37 -17.13
CA VAL A 289 -13.95 15.72 -17.65
C VAL A 289 -12.56 15.72 -18.25
N1 A1A6M B . 3.86 -8.91 -5.25
N3 A1A6M B . 7.94 -7.55 -8.79
C4 A1A6M B . 6.38 -3.52 0.91
C5 A1A6M B . 6.99 -2.52 1.67
C6 A1A6M B . 4.92 -3.35 0.52
C7 A1A6M B . 6.68 -5.68 -1.62
C8 A1A6M B . 5.90 -6.68 -2.44
C10 A1A6M B . 5.59 -7.68 -4.63
C13 A1A6M B . 4.74 -7.35 -1.98
C15 A1A6M B . 5.68 -8.05 -6.00
C17 A1A6M B . 6.90 -8.22 -8.23
C20 A1A6M B . 9.27 -5.99 0.52
O A1A6M B . 7.47 -4.92 -2.20
N A1A6M B . 6.50 -5.62 -0.30
C3 A1A6M B . 7.11 -4.65 0.52
C2 A1A6M B . 8.46 -4.77 0.89
C1 A1A6M B . 9.07 -3.74 1.62
C A1A6M B . 8.34 -2.62 2.00
O1 A1A6M B . 4.37 -7.15 -0.67
C14 A1A6M B . 3.32 -7.93 -0.09
C12 A1A6M B . 3.97 -8.16 -2.84
C11 A1A6M B . 4.40 -8.28 -4.16
N2 A1A6M B . 4.65 -8.78 -6.34
C9 A1A6M B . 6.34 -6.91 -3.75
C16 A1A6M B . 6.72 -7.69 -6.97
C18 A1A6M B . 7.75 -6.75 -6.87
N4 A1A6M B . 8.50 -6.68 -7.95
C19 A1A6M B . 8.51 -7.71 -10.12
CL CL C . 10.53 10.09 3.40
MG MG D . -16.30 17.81 -2.56
#